data_2QZG
#
_entry.id   2QZG
#
_cell.length_a   45.753
_cell.length_b   83.617
_cell.length_c   54.583
_cell.angle_alpha   90.00
_cell.angle_beta   111.48
_cell.angle_gamma   90.00
#
_symmetry.space_group_name_H-M   'P 1 21 1'
#
loop_
_entity.id
_entity.type
_entity.pdbx_description
1 polymer 'Conserved uncharacterized archaeal protein'
2 water water
#
_entity_poly.entity_id   1
_entity_poly.type   'polypeptide(L)'
_entity_poly.pdbx_seq_one_letter_code
;SNA(MSE)FSAKKLSPADKLKNISS(MSE)LEEIVEDTTVPRNIRAAADNAKNALHNEEQELIVRSATAIQYLDDISEDP
N(MSE)PIHTRTQIWGIVSELETIKN
;
_entity_poly.pdbx_strand_id   A,B,C,D
#
# COMPACT_ATOMS: atom_id res chain seq x y z
N ALA A 7 9.55 19.20 13.30
CA ALA A 7 8.75 17.94 13.17
C ALA A 7 8.14 17.75 11.76
N LYS A 8 8.87 18.22 10.75
CA LYS A 8 8.37 18.21 9.37
C LYS A 8 8.09 16.80 8.83
N LYS A 9 6.98 16.63 8.12
CA LYS A 9 6.78 15.41 7.35
C LYS A 9 7.22 15.76 5.93
N LEU A 10 7.52 14.75 5.10
CA LEU A 10 7.86 15.05 3.71
C LEU A 10 6.60 15.49 2.94
N SER A 11 6.67 16.65 2.30
CA SER A 11 5.52 17.20 1.53
C SER A 11 5.36 16.48 0.19
N PRO A 12 4.14 16.50 -0.39
CA PRO A 12 3.95 15.89 -1.71
C PRO A 12 4.95 16.42 -2.75
N ALA A 13 5.23 17.72 -2.74
CA ALA A 13 6.21 18.33 -3.63
C ALA A 13 7.62 17.76 -3.45
N ASP A 14 8.04 17.58 -2.20
CA ASP A 14 9.34 17.02 -1.90
C ASP A 14 9.43 15.57 -2.35
N LYS A 15 8.36 14.82 -2.15
CA LYS A 15 8.32 13.39 -2.58
C LYS A 15 8.47 13.28 -4.09
N LEU A 16 7.74 14.11 -4.82
CA LEU A 16 7.80 14.13 -6.27
C LEU A 16 9.18 14.55 -6.78
N LYS A 17 9.80 15.51 -6.11
CA LYS A 17 11.15 15.98 -6.45
C LYS A 17 12.20 14.88 -6.21
N ASN A 18 12.04 14.14 -5.13
CA ASN A 18 12.94 13.06 -4.79
C ASN A 18 12.80 11.91 -5.79
N ILE A 19 11.56 11.50 -6.08
CA ILE A 19 11.32 10.47 -7.09
C ILE A 19 11.83 10.87 -8.50
N SER A 20 11.57 12.10 -8.92
CA SER A 20 12.06 12.61 -10.19
C SER A 20 13.60 12.57 -10.32
N SER A 21 14.31 12.94 -9.25
CA SER A 21 15.75 12.83 -9.20
C SER A 21 16.22 11.38 -9.29
N MSE A 22 15.48 10.45 -8.68
CA MSE A 22 15.85 9.04 -8.75
C MSE A 22 15.69 8.57 -10.18
O MSE A 22 16.53 7.84 -10.70
CB MSE A 22 15.02 8.18 -7.80
CG MSE A 22 15.57 8.09 -6.40
SE MSE A 22 14.13 7.54 -5.22
CE MSE A 22 14.54 5.65 -5.04
N LEU A 23 14.62 9.05 -10.82
CA LEU A 23 14.35 8.76 -12.24
C LEU A 23 15.41 9.33 -13.20
N GLU A 24 15.80 10.59 -12.97
CA GLU A 24 16.81 11.22 -13.80
C GLU A 24 18.16 10.51 -13.65
N GLU A 25 18.42 9.93 -12.48
CA GLU A 25 19.63 9.13 -12.23
C GLU A 25 19.73 7.93 -13.19
N ILE A 26 18.59 7.33 -13.52
CA ILE A 26 18.52 6.26 -14.51
C ILE A 26 18.66 6.82 -15.94
N VAL A 27 17.93 7.90 -16.21
CA VAL A 27 17.95 8.55 -17.53
C VAL A 27 19.37 8.99 -17.91
N GLU A 28 20.20 9.30 -16.91
CA GLU A 28 21.54 9.84 -17.13
C GLU A 28 22.65 8.80 -17.01
N ASP A 29 22.27 7.60 -16.58
CA ASP A 29 23.15 6.46 -16.48
C ASP A 29 23.29 5.91 -17.88
N THR A 30 24.23 6.48 -18.64
CA THR A 30 24.39 6.13 -20.05
C THR A 30 24.75 4.65 -20.30
N THR A 31 25.10 3.92 -19.23
CA THR A 31 25.30 2.47 -19.26
C THR A 31 24.01 1.69 -19.52
N VAL A 32 22.88 2.35 -19.26
CA VAL A 32 21.56 1.70 -19.32
C VAL A 32 21.02 1.72 -20.75
N PRO A 33 20.39 0.62 -21.21
CA PRO A 33 19.83 0.58 -22.57
C PRO A 33 18.88 1.76 -22.83
N ARG A 34 18.95 2.29 -24.03
CA ARG A 34 18.14 3.39 -24.50
C ARG A 34 16.66 3.30 -24.09
N ASN A 35 16.04 2.15 -24.34
CA ASN A 35 14.60 1.98 -24.11
C ASN A 35 14.19 2.07 -22.63
N ILE A 36 15.07 1.61 -21.75
CA ILE A 36 14.84 1.68 -20.32
C ILE A 36 14.99 3.14 -19.84
N ARG A 37 16.01 3.84 -20.35
CA ARG A 37 16.20 5.27 -20.11
C ARG A 37 14.98 6.09 -20.58
N ALA A 38 14.48 5.76 -21.77
CA ALA A 38 13.23 6.31 -22.31
C ALA A 38 12.01 6.07 -21.37
N ALA A 39 11.89 4.87 -20.83
CA ALA A 39 10.80 4.53 -19.91
C ALA A 39 10.87 5.33 -18.62
N ALA A 40 12.08 5.52 -18.10
CA ALA A 40 12.25 6.33 -16.91
C ALA A 40 11.93 7.82 -17.18
N ASP A 41 12.26 8.31 -18.37
CA ASP A 41 11.94 9.69 -18.70
C ASP A 41 10.44 9.89 -18.90
N ASN A 42 9.77 8.88 -19.43
CA ASN A 42 8.32 8.95 -19.57
C ASN A 42 7.65 8.97 -18.21
N ALA A 43 8.14 8.12 -17.31
CA ALA A 43 7.66 8.08 -15.93
C ALA A 43 7.88 9.44 -15.27
N LYS A 44 9.08 9.98 -15.45
CA LYS A 44 9.43 11.31 -14.94
C LYS A 44 8.49 12.40 -15.45
N ASN A 45 8.28 12.44 -16.77
CA ASN A 45 7.33 13.38 -17.38
C ASN A 45 5.87 13.17 -16.94
N ALA A 46 5.50 11.92 -16.67
CA ALA A 46 4.17 11.64 -16.13
C ALA A 46 3.93 12.34 -14.80
N LEU A 47 4.96 12.37 -13.94
CA LEU A 47 4.90 13.00 -12.61
C LEU A 47 4.79 14.52 -12.66
N HIS A 48 5.03 15.09 -13.84
CA HIS A 48 4.89 16.53 -14.06
C HIS A 48 3.72 16.87 -15.00
N ASN A 49 2.79 15.93 -15.17
CA ASN A 49 1.56 16.25 -15.86
C ASN A 49 0.64 17.09 -14.98
N GLU A 50 0.62 18.39 -15.26
CA GLU A 50 -0.09 19.37 -14.46
C GLU A 50 -1.61 19.27 -14.61
N GLU A 51 -2.08 18.52 -15.61
CA GLU A 51 -3.52 18.32 -15.81
C GLU A 51 -4.09 17.19 -14.93
N GLN A 52 -3.21 16.56 -14.15
CA GLN A 52 -3.60 15.46 -13.26
C GLN A 52 -3.15 15.74 -11.82
N GLU A 53 -3.93 15.23 -10.89
CA GLU A 53 -3.58 15.29 -9.48
C GLU A 53 -2.53 14.23 -9.19
N LEU A 54 -1.84 14.36 -8.07
CA LEU A 54 -0.67 13.52 -7.79
C LEU A 54 -0.90 12.02 -7.86
N ILE A 55 -2.03 11.53 -7.34
CA ILE A 55 -2.17 10.07 -7.31
C ILE A 55 -2.41 9.47 -8.70
N VAL A 56 -2.98 10.27 -9.62
CA VAL A 56 -3.20 9.86 -11.02
C VAL A 56 -1.85 9.93 -11.76
N ARG A 57 -1.07 10.97 -11.54
CA ARG A 57 0.31 11.02 -12.08
C ARG A 57 1.13 9.82 -11.60
N SER A 58 1.00 9.49 -10.32
CA SER A 58 1.82 8.44 -9.73
C SER A 58 1.48 7.10 -10.36
N ALA A 59 0.19 6.83 -10.54
CA ALA A 59 -0.30 5.58 -11.12
C ALA A 59 0.22 5.46 -12.55
N THR A 60 0.20 6.58 -13.27
CA THR A 60 0.64 6.63 -14.67
C THR A 60 2.14 6.27 -14.74
N ALA A 61 2.91 6.90 -13.86
CA ALA A 61 4.34 6.63 -13.79
C ALA A 61 4.62 5.18 -13.40
N ILE A 62 3.88 4.65 -12.42
CA ILE A 62 4.03 3.24 -12.03
C ILE A 62 3.84 2.32 -13.23
N GLN A 63 2.87 2.63 -14.07
CA GLN A 63 2.56 1.74 -15.18
C GLN A 63 3.70 1.74 -16.21
N TYR A 64 4.27 2.91 -16.51
CA TYR A 64 5.42 3.01 -17.44
C TYR A 64 6.57 2.19 -16.86
N LEU A 65 6.81 2.29 -15.55
CA LEU A 65 7.83 1.47 -14.88
C LEU A 65 7.56 -0.04 -14.82
N ASP A 66 6.33 -0.47 -14.53
CA ASP A 66 5.99 -1.89 -14.65
C ASP A 66 6.19 -2.50 -16.06
N ASP A 67 5.84 -1.72 -17.09
CA ASP A 67 5.96 -2.10 -18.49
C ASP A 67 7.39 -2.42 -18.87
N ILE A 68 8.32 -1.62 -18.39
CA ILE A 68 9.71 -1.81 -18.76
C ILE A 68 10.37 -2.91 -17.91
N SER A 69 9.76 -3.24 -16.77
CA SER A 69 10.34 -4.20 -15.83
C SER A 69 10.33 -5.56 -16.48
N GLU A 70 9.56 -5.63 -17.57
CA GLU A 70 9.42 -6.82 -18.38
C GLU A 70 10.55 -7.02 -19.40
N ASP A 71 11.37 -5.97 -19.59
CA ASP A 71 12.54 -5.97 -20.48
C ASP A 71 13.67 -6.95 -20.05
N PRO A 72 14.14 -7.80 -21.00
CA PRO A 72 15.22 -8.80 -20.83
C PRO A 72 16.65 -8.30 -20.52
N ASN A 73 16.99 -7.05 -20.87
CA ASN A 73 18.35 -6.53 -20.64
C ASN A 73 18.49 -5.49 -19.53
N MSE A 74 17.61 -5.53 -18.55
CA MSE A 74 17.74 -4.60 -17.44
C MSE A 74 18.85 -4.96 -16.46
O MSE A 74 18.89 -6.08 -15.96
CB MSE A 74 16.44 -4.44 -16.68
CG MSE A 74 16.54 -3.23 -15.77
SE MSE A 74 14.89 -2.93 -15.07
CE MSE A 74 13.96 -2.19 -16.62
N PRO A 75 19.77 -4.01 -16.22
CA PRO A 75 20.86 -4.20 -15.27
C PRO A 75 20.31 -4.40 -13.87
N ILE A 76 20.98 -5.22 -13.08
CA ILE A 76 20.61 -5.51 -11.69
C ILE A 76 20.44 -4.23 -10.85
N HIS A 77 21.35 -3.27 -11.05
N HIS A 77 21.36 -3.28 -11.05
CA HIS A 77 21.31 -2.01 -10.30
CA HIS A 77 21.33 -2.00 -10.33
C HIS A 77 20.08 -1.15 -10.63
C HIS A 77 20.06 -1.21 -10.63
N THR A 78 19.70 -1.15 -11.90
CA THR A 78 18.52 -0.44 -12.39
C THR A 78 17.23 -1.08 -11.85
N ARG A 79 17.17 -2.41 -11.84
CA ARG A 79 16.01 -3.10 -11.29
C ARG A 79 15.76 -2.75 -9.82
N THR A 80 16.82 -2.67 -9.03
CA THR A 80 16.73 -2.32 -7.61
C THR A 80 16.26 -0.87 -7.48
N GLN A 81 16.84 0.01 -8.30
CA GLN A 81 16.40 1.39 -8.42
C GLN A 81 14.93 1.54 -8.74
N ILE A 82 14.45 0.89 -9.81
CA ILE A 82 13.01 0.94 -10.17
C ILE A 82 12.13 0.45 -9.01
N TRP A 83 12.52 -0.66 -8.36
CA TRP A 83 11.75 -1.16 -7.23
C TRP A 83 11.56 -0.11 -6.12
N GLY A 84 12.63 0.63 -5.81
CA GLY A 84 12.60 1.70 -4.81
C GLY A 84 11.69 2.85 -5.24
N ILE A 85 11.82 3.25 -6.51
CA ILE A 85 10.98 4.33 -7.10
C ILE A 85 9.48 3.94 -7.08
N VAL A 86 9.18 2.73 -7.54
CA VAL A 86 7.84 2.22 -7.50
C VAL A 86 7.26 2.12 -6.08
N SER A 87 8.01 1.54 -5.14
CA SER A 87 7.56 1.48 -3.77
C SER A 87 7.26 2.88 -3.23
N GLU A 88 8.10 3.86 -3.56
CA GLU A 88 7.85 5.22 -3.12
C GLU A 88 6.57 5.81 -3.75
N LEU A 89 6.40 5.61 -5.04
CA LEU A 89 5.19 6.00 -5.76
C LEU A 89 3.92 5.45 -5.10
N GLU A 90 3.98 4.19 -4.66
CA GLU A 90 2.82 3.53 -4.07
C GLU A 90 2.43 4.10 -2.69
N THR A 91 3.34 4.84 -2.05
CA THR A 91 3.02 5.49 -0.77
C THR A 91 2.24 6.78 -0.96
N ILE A 92 2.19 7.30 -2.17
CA ILE A 92 1.56 8.60 -2.43
C ILE A 92 0.04 8.51 -2.38
N LYS A 93 -0.56 9.21 -1.41
CA LYS A 93 -2.01 9.20 -1.20
C LYS A 93 -2.55 10.62 -0.99
N ASN A 94 -3.86 10.78 -1.17
CA ASN A 94 -4.56 12.08 -1.23
C ASN A 94 -4.83 12.55 -2.67
N PHE B 5 -18.29 -24.48 -6.78
CA PHE B 5 -17.16 -24.20 -5.84
C PHE B 5 -15.95 -23.70 -6.60
N SER B 6 -15.24 -22.74 -6.01
CA SER B 6 -13.96 -22.29 -6.58
C SER B 6 -13.04 -21.76 -5.52
N ALA B 7 -11.82 -22.29 -5.51
CA ALA B 7 -10.79 -21.76 -4.63
C ALA B 7 -9.84 -20.82 -5.41
N LYS B 8 -10.25 -20.43 -6.62
CA LYS B 8 -9.45 -19.52 -7.45
C LYS B 8 -9.25 -18.16 -6.77
N LYS B 9 -8.06 -17.59 -6.91
CA LYS B 9 -7.77 -16.28 -6.30
C LYS B 9 -8.53 -15.15 -6.99
N LEU B 10 -8.65 -14.01 -6.29
CA LEU B 10 -9.44 -12.87 -6.76
C LEU B 10 -8.77 -12.12 -7.90
N SER B 11 -9.43 -12.08 -9.06
CA SER B 11 -8.88 -11.33 -10.20
C SER B 11 -9.11 -9.82 -10.02
N PRO B 12 -8.36 -8.99 -10.79
CA PRO B 12 -8.66 -7.56 -10.84
C PRO B 12 -10.12 -7.25 -11.19
N ALA B 13 -10.69 -8.01 -12.12
CA ALA B 13 -12.09 -7.91 -12.51
C ALA B 13 -13.09 -8.30 -11.43
N ASP B 14 -12.79 -9.35 -10.65
CA ASP B 14 -13.65 -9.67 -9.50
C ASP B 14 -13.56 -8.51 -8.50
N LYS B 15 -12.35 -7.98 -8.29
CA LYS B 15 -12.13 -6.91 -7.33
C LYS B 15 -12.90 -5.64 -7.70
N LEU B 16 -12.83 -5.26 -8.98
CA LEU B 16 -13.52 -4.08 -9.49
C LEU B 16 -15.03 -4.27 -9.41
N LYS B 17 -15.49 -5.48 -9.68
CA LYS B 17 -16.90 -5.84 -9.53
C LYS B 17 -17.38 -5.60 -8.09
N ASN B 18 -16.62 -6.08 -7.11
N ASN B 18 -16.60 -6.07 -7.12
CA ASN B 18 -16.98 -5.87 -5.70
CA ASN B 18 -16.99 -5.90 -5.72
C ASN B 18 -17.04 -4.39 -5.37
C ASN B 18 -16.95 -4.44 -5.27
N ILE B 19 -16.02 -3.65 -5.83
CA ILE B 19 -15.91 -2.22 -5.51
C ILE B 19 -17.11 -1.45 -6.08
N SER B 20 -17.46 -1.72 -7.33
CA SER B 20 -18.64 -1.13 -8.01
C SER B 20 -19.94 -1.44 -7.25
N SER B 21 -20.06 -2.66 -6.76
CA SER B 21 -21.23 -3.06 -5.97
C SER B 21 -21.31 -2.24 -4.67
N MSE B 22 -20.15 -1.93 -4.09
CA MSE B 22 -20.09 -1.17 -2.85
C MSE B 22 -20.45 0.28 -3.14
O MSE B 22 -21.17 0.91 -2.37
CB MSE B 22 -18.72 -1.28 -2.18
CG MSE B 22 -18.43 -2.64 -1.57
SE MSE B 22 -16.56 -2.77 -0.98
CE MSE B 22 -16.83 -2.39 0.91
N LEU B 23 -19.94 0.77 -4.27
CA LEU B 23 -20.23 2.13 -4.75
C LEU B 23 -21.70 2.31 -5.13
N GLU B 24 -22.27 1.32 -5.82
CA GLU B 24 -23.70 1.30 -6.14
C GLU B 24 -24.59 1.35 -4.88
N GLU B 25 -24.13 0.73 -3.79
CA GLU B 25 -24.85 0.82 -2.52
C GLU B 25 -25.00 2.27 -2.04
N ILE B 26 -23.93 3.05 -2.16
CA ILE B 26 -23.93 4.48 -1.81
C ILE B 26 -24.85 5.26 -2.74
N VAL B 27 -24.71 5.02 -4.04
CA VAL B 27 -25.54 5.65 -5.08
C VAL B 27 -27.02 5.50 -4.76
N GLU B 28 -27.43 4.30 -4.36
CA GLU B 28 -28.83 4.01 -4.14
C GLU B 28 -29.29 4.37 -2.72
N ASP B 29 -28.37 4.89 -1.92
CA ASP B 29 -28.65 5.28 -0.54
C ASP B 29 -29.30 6.65 -0.45
N THR B 30 -30.65 6.69 -0.50
CA THR B 30 -31.42 7.94 -0.43
C THR B 30 -31.30 8.63 0.92
N THR B 31 -30.53 8.04 1.82
CA THR B 31 -30.20 8.59 3.12
C THR B 31 -28.98 9.50 3.04
N VAL B 32 -28.30 9.46 1.89
CA VAL B 32 -27.02 10.14 1.67
C VAL B 32 -27.22 11.36 0.80
N PRO B 33 -26.60 12.51 1.18
CA PRO B 33 -26.62 13.76 0.40
C PRO B 33 -26.37 13.53 -1.11
N ARG B 34 -27.18 14.15 -1.96
CA ARG B 34 -27.14 13.89 -3.41
C ARG B 34 -25.78 14.12 -4.09
N ASN B 35 -24.98 15.05 -3.58
CA ASN B 35 -23.62 15.29 -4.12
C ASN B 35 -22.59 14.20 -3.79
N ILE B 36 -22.82 13.50 -2.68
CA ILE B 36 -21.92 12.42 -2.31
C ILE B 36 -22.31 11.18 -3.09
N ARG B 37 -23.60 11.00 -3.30
CA ARG B 37 -24.10 9.91 -4.13
C ARG B 37 -23.56 10.02 -5.56
N ALA B 38 -23.51 11.24 -6.09
CA ALA B 38 -22.96 11.47 -7.42
C ALA B 38 -21.45 11.25 -7.49
N ALA B 39 -20.75 11.53 -6.39
CA ALA B 39 -19.29 11.34 -6.33
C ALA B 39 -18.94 9.84 -6.35
N ALA B 40 -19.74 9.04 -5.64
CA ALA B 40 -19.65 7.57 -5.72
C ALA B 40 -20.02 7.09 -7.12
N ASP B 41 -20.99 7.76 -7.74
CA ASP B 41 -21.36 7.39 -9.10
C ASP B 41 -20.23 7.69 -10.09
N ASN B 42 -19.52 8.80 -9.87
CA ASN B 42 -18.42 9.20 -10.76
C ASN B 42 -17.20 8.28 -10.56
N ALA B 43 -16.96 7.90 -9.31
CA ALA B 43 -15.90 6.95 -8.99
C ALA B 43 -16.22 5.64 -9.70
N LYS B 44 -17.48 5.22 -9.66
CA LYS B 44 -17.96 4.00 -10.34
C LYS B 44 -17.78 4.07 -11.86
N ASN B 45 -18.22 5.16 -12.48
CA ASN B 45 -18.03 5.34 -13.91
C ASN B 45 -16.55 5.40 -14.31
N ALA B 46 -15.71 5.94 -13.43
CA ALA B 46 -14.24 6.00 -13.66
C ALA B 46 -13.62 4.61 -13.79
N LEU B 47 -14.22 3.63 -13.12
CA LEU B 47 -13.67 2.28 -13.10
C LEU B 47 -13.86 1.51 -14.41
N HIS B 48 -14.76 1.99 -15.26
CA HIS B 48 -15.00 1.35 -16.57
C HIS B 48 -14.64 2.31 -17.70
N ASN B 49 -13.44 2.85 -17.65
CA ASN B 49 -12.90 3.69 -18.72
C ASN B 49 -11.82 2.92 -19.48
N GLU B 50 -12.18 2.34 -20.63
CA GLU B 50 -11.22 1.55 -21.39
C GLU B 50 -10.16 2.43 -22.06
N GLU B 51 -10.32 3.75 -21.92
CA GLU B 51 -9.34 4.72 -22.44
C GLU B 51 -8.13 4.81 -21.49
N GLN B 52 -8.25 4.19 -20.32
CA GLN B 52 -7.23 4.29 -19.29
C GLN B 52 -6.74 2.95 -18.75
N GLU B 53 -5.47 2.96 -18.34
CA GLU B 53 -4.88 1.89 -17.56
C GLU B 53 -5.68 1.56 -16.31
N LEU B 54 -5.71 0.29 -15.97
CA LEU B 54 -6.45 -0.16 -14.79
C LEU B 54 -6.07 0.58 -13.51
N ILE B 55 -4.78 0.70 -13.23
CA ILE B 55 -4.32 1.40 -12.01
C ILE B 55 -4.61 2.90 -12.04
N VAL B 56 -4.72 3.44 -13.25
CA VAL B 56 -5.07 4.85 -13.46
C VAL B 56 -6.57 5.11 -13.25
N ARG B 57 -7.44 4.22 -13.75
CA ARG B 57 -8.87 4.24 -13.34
C ARG B 57 -9.07 4.09 -11.82
N SER B 58 -8.31 3.20 -11.19
CA SER B 58 -8.39 3.07 -9.72
C SER B 58 -7.98 4.37 -9.05
N ALA B 59 -6.86 4.95 -9.46
CA ALA B 59 -6.44 6.24 -8.89
C ALA B 59 -7.48 7.35 -9.08
N THR B 60 -8.10 7.39 -10.26
CA THR B 60 -9.10 8.41 -10.60
C THR B 60 -10.35 8.24 -9.71
N ALA B 61 -10.74 7.00 -9.50
CA ALA B 61 -11.90 6.71 -8.62
C ALA B 61 -11.55 7.04 -7.16
N ILE B 62 -10.31 6.79 -6.72
CA ILE B 62 -9.88 7.19 -5.36
C ILE B 62 -9.93 8.71 -5.25
N GLN B 63 -9.45 9.39 -6.29
CA GLN B 63 -9.44 10.86 -6.32
C GLN B 63 -10.84 11.48 -6.16
N TYR B 64 -11.83 10.97 -6.90
CA TYR B 64 -13.23 11.42 -6.76
C TYR B 64 -13.78 11.26 -5.35
N LEU B 65 -13.40 10.16 -4.70
CA LEU B 65 -13.82 9.88 -3.34
C LEU B 65 -13.07 10.77 -2.33
N ASP B 66 -11.76 10.95 -2.52
CA ASP B 66 -10.96 11.85 -1.67
C ASP B 66 -11.47 13.28 -1.71
N ASP B 67 -11.97 13.72 -2.87
CA ASP B 67 -12.42 15.11 -3.04
C ASP B 67 -13.61 15.47 -2.16
N ILE B 68 -14.48 14.51 -1.89
CA ILE B 68 -15.68 14.74 -1.09
C ILE B 68 -15.53 14.36 0.38
N SER B 69 -14.39 13.77 0.75
CA SER B 69 -14.16 13.36 2.14
C SER B 69 -14.36 14.52 3.11
N GLU B 70 -13.86 15.70 2.74
CA GLU B 70 -13.96 16.86 3.63
C GLU B 70 -15.34 17.55 3.62
N ASP B 71 -16.29 16.96 2.91
CA ASP B 71 -17.66 17.46 2.93
C ASP B 71 -18.21 17.46 4.36
N PRO B 72 -18.80 18.60 4.78
CA PRO B 72 -19.40 18.73 6.12
C PRO B 72 -20.55 17.76 6.40
N ASN B 73 -21.39 17.52 5.40
CA ASN B 73 -22.59 16.70 5.58
C ASN B 73 -22.35 15.23 5.27
N MSE B 74 -21.09 14.83 5.35
CA MSE B 74 -20.70 13.44 5.14
C MSE B 74 -21.25 12.59 6.28
O MSE B 74 -20.92 12.82 7.46
CB MSE B 74 -19.15 13.34 5.05
CG MSE B 74 -18.61 11.94 5.18
SE MSE B 74 -19.06 10.85 3.61
CE MSE B 74 -17.81 11.64 2.34
N PRO B 75 -22.13 11.63 5.95
CA PRO B 75 -22.65 10.72 6.97
C PRO B 75 -21.56 9.80 7.53
N ILE B 76 -21.74 9.37 8.78
CA ILE B 76 -20.79 8.50 9.48
C ILE B 76 -20.69 7.12 8.82
N HIS B 77 -21.84 6.50 8.53
CA HIS B 77 -21.82 5.20 7.85
C HIS B 77 -21.21 5.29 6.44
N THR B 78 -21.55 6.35 5.70
CA THR B 78 -20.98 6.50 4.37
C THR B 78 -19.45 6.70 4.38
N ARG B 79 -18.93 7.42 5.37
CA ARG B 79 -17.49 7.65 5.45
C ARG B 79 -16.74 6.32 5.73
N THR B 80 -17.37 5.47 6.53
CA THR B 80 -16.88 4.11 6.73
C THR B 80 -16.90 3.28 5.44
N GLN B 81 -18.02 3.32 4.71
CA GLN B 81 -18.10 2.64 3.40
C GLN B 81 -17.01 3.14 2.42
N ILE B 82 -16.77 4.44 2.40
CA ILE B 82 -15.80 5.04 1.48
C ILE B 82 -14.38 4.63 1.86
N TRP B 83 -14.06 4.65 3.14
CA TRP B 83 -12.78 4.12 3.60
C TRP B 83 -12.53 2.67 3.11
N GLY B 84 -13.55 1.81 3.24
CA GLY B 84 -13.51 0.43 2.72
C GLY B 84 -13.17 0.32 1.22
N ILE B 85 -13.84 1.15 0.43
CA ILE B 85 -13.73 1.16 -0.99
C ILE B 85 -12.35 1.69 -1.43
N VAL B 86 -11.88 2.77 -0.82
CA VAL B 86 -10.60 3.37 -1.15
C VAL B 86 -9.50 2.40 -0.76
N SER B 87 -9.62 1.75 0.40
CA SER B 87 -8.58 0.84 0.84
C SER B 87 -8.47 -0.37 -0.13
N GLU B 88 -9.61 -0.83 -0.66
CA GLU B 88 -9.67 -1.88 -1.66
C GLU B 88 -9.13 -1.39 -3.02
N LEU B 89 -9.49 -0.19 -3.47
CA LEU B 89 -8.91 0.36 -4.70
C LEU B 89 -7.38 0.47 -4.67
N GLU B 90 -6.84 0.78 -3.49
CA GLU B 90 -5.40 0.86 -3.24
C GLU B 90 -4.61 -0.46 -3.38
N THR B 91 -5.32 -1.57 -3.38
CA THR B 91 -4.72 -2.88 -3.62
C THR B 91 -4.66 -3.28 -5.13
N ILE B 92 -5.33 -2.53 -6.00
CA ILE B 92 -5.39 -2.88 -7.41
C ILE B 92 -4.03 -2.54 -8.04
N LYS B 93 -3.36 -3.57 -8.54
CA LYS B 93 -1.97 -3.50 -8.94
C LYS B 93 -1.78 -4.11 -10.30
N ASN B 94 -0.53 -3.99 -10.79
CA ASN B 94 -0.02 -4.68 -11.99
C ASN B 94 -0.25 -3.97 -13.32
N PHE C 5 1.67 -15.58 -15.43
CA PHE C 5 3.05 -15.01 -15.35
C PHE C 5 3.14 -13.96 -14.25
N SER C 6 4.22 -14.04 -13.47
CA SER C 6 4.56 -13.00 -12.49
C SER C 6 5.66 -12.11 -13.08
N ALA C 7 5.72 -10.86 -12.62
CA ALA C 7 6.66 -9.89 -13.20
C ALA C 7 8.09 -10.25 -12.84
N LYS C 8 9.03 -9.91 -13.72
CA LYS C 8 10.44 -9.99 -13.37
C LYS C 8 10.68 -9.06 -12.18
N LYS C 9 11.14 -9.64 -11.07
CA LYS C 9 11.30 -8.87 -9.84
C LYS C 9 12.50 -9.35 -9.04
N LEU C 10 12.90 -8.55 -8.07
CA LEU C 10 13.91 -8.94 -7.12
C LEU C 10 13.34 -10.02 -6.21
N SER C 11 14.20 -10.93 -5.78
CA SER C 11 13.80 -11.94 -4.80
C SER C 11 13.65 -11.27 -3.45
N PRO C 12 12.84 -11.89 -2.56
CA PRO C 12 12.67 -11.42 -1.17
C PRO C 12 14.02 -11.27 -0.51
N ALA C 13 14.88 -12.27 -0.67
CA ALA C 13 16.27 -12.19 -0.20
C ALA C 13 16.94 -10.88 -0.63
N ASP C 14 16.80 -10.54 -1.91
CA ASP C 14 17.48 -9.38 -2.47
C ASP C 14 16.87 -8.07 -1.94
N LYS C 15 15.56 -8.05 -1.75
CA LYS C 15 14.88 -6.89 -1.17
C LYS C 15 15.37 -6.64 0.24
N LEU C 16 15.42 -7.70 1.04
CA LEU C 16 15.91 -7.61 2.42
C LEU C 16 17.34 -7.14 2.52
N LYS C 17 18.20 -7.67 1.66
CA LYS C 17 19.59 -7.26 1.54
C LYS C 17 19.71 -5.76 1.25
N ASN C 18 18.94 -5.31 0.26
CA ASN C 18 19.00 -3.92 -0.15
C ASN C 18 18.47 -2.96 0.92
N ILE C 19 17.38 -3.35 1.59
CA ILE C 19 16.86 -2.61 2.74
C ILE C 19 17.87 -2.55 3.90
N SER C 20 18.48 -3.68 4.27
CA SER C 20 19.49 -3.73 5.34
C SER C 20 20.69 -2.82 5.05
N SER C 21 21.15 -2.87 3.81
CA SER C 21 22.21 -2.00 3.33
C SER C 21 21.84 -0.52 3.46
N MSE C 22 20.62 -0.16 3.08
CA MSE C 22 20.17 1.22 3.21
C MSE C 22 20.11 1.66 4.66
O MSE C 22 20.53 2.77 5.01
CB MSE C 22 18.84 1.45 2.52
CG MSE C 22 18.94 1.68 1.05
SE MSE C 22 17.11 1.70 0.31
CE MSE C 22 16.82 -0.18 0.32
N LEU C 23 19.62 0.77 5.52
CA LEU C 23 19.62 1.00 6.96
C LEU C 23 21.04 1.18 7.52
N GLU C 24 21.96 0.35 7.06
CA GLU C 24 23.36 0.43 7.52
C GLU C 24 24.01 1.77 7.17
N GLU C 25 23.56 2.36 6.07
CA GLU C 25 24.04 3.66 5.62
C GLU C 25 23.77 4.75 6.67
N ILE C 26 22.54 4.79 7.18
CA ILE C 26 22.16 5.69 8.27
C ILE C 26 22.91 5.38 9.57
N VAL C 27 23.07 4.09 9.86
CA VAL C 27 23.77 3.63 11.07
C VAL C 27 25.20 4.19 11.09
N GLU C 28 25.88 4.13 9.96
CA GLU C 28 27.27 4.59 9.89
C GLU C 28 27.40 6.09 9.64
N ASP C 29 26.27 6.79 9.53
CA ASP C 29 26.24 8.20 9.15
C ASP C 29 26.42 9.09 10.39
N THR C 30 27.59 9.73 10.48
CA THR C 30 27.98 10.51 11.67
C THR C 30 27.23 11.85 11.84
N THR C 31 26.55 12.30 10.79
CA THR C 31 25.79 13.55 10.84
C THR C 31 24.40 13.35 11.46
N VAL C 32 24.13 12.13 11.91
CA VAL C 32 22.81 11.78 12.42
C VAL C 32 22.87 11.61 13.94
N PRO C 33 21.89 12.19 14.67
CA PRO C 33 21.81 11.92 16.11
C PRO C 33 21.93 10.43 16.43
N ARG C 34 22.65 10.13 17.50
CA ARG C 34 22.90 8.76 17.88
C ARG C 34 21.60 7.97 18.11
N ASN C 35 20.55 8.61 18.61
CA ASN C 35 19.29 7.91 18.84
C ASN C 35 18.59 7.45 17.54
N ILE C 36 18.82 8.19 16.46
CA ILE C 36 18.19 7.88 15.16
C ILE C 36 18.99 6.80 14.44
N ARG C 37 20.31 6.92 14.49
CA ARG C 37 21.23 5.86 14.11
C ARG C 37 20.97 4.53 14.85
N ALA C 38 20.71 4.60 16.16
CA ALA C 38 20.36 3.39 16.94
C ALA C 38 19.01 2.81 16.50
N ALA C 39 18.03 3.68 16.22
CA ALA C 39 16.73 3.26 15.69
C ALA C 39 16.85 2.52 14.35
N ALA C 40 17.76 2.98 13.49
CA ALA C 40 17.99 2.34 12.21
C ALA C 40 18.71 0.99 12.37
N ASP C 41 19.47 0.84 13.44
CA ASP C 41 20.10 -0.46 13.72
C ASP C 41 19.08 -1.41 14.31
N ASN C 42 18.22 -0.87 15.17
CA ASN C 42 17.11 -1.62 15.74
C ASN C 42 16.18 -2.18 14.67
N ALA C 43 15.88 -1.34 13.67
CA ALA C 43 15.03 -1.74 12.54
C ALA C 43 15.71 -2.84 11.73
N LYS C 44 17.01 -2.66 11.49
CA LYS C 44 17.79 -3.63 10.73
C LYS C 44 17.84 -5.01 11.42
N ASN C 45 18.04 -5.03 12.74
CA ASN C 45 18.04 -6.29 13.48
C ASN C 45 16.65 -6.91 13.59
N ALA C 46 15.61 -6.08 13.63
CA ALA C 46 14.21 -6.57 13.58
C ALA C 46 13.94 -7.44 12.36
N LEU C 47 14.55 -7.10 11.22
CA LEU C 47 14.39 -7.84 9.97
C LEU C 47 14.97 -9.25 9.98
N HIS C 48 15.90 -9.49 10.91
CA HIS C 48 16.55 -10.77 11.04
C HIS C 48 16.09 -11.51 12.30
N ASN C 49 14.97 -11.08 12.86
CA ASN C 49 14.39 -11.80 13.98
C ASN C 49 13.65 -13.00 13.44
N GLU C 50 14.37 -14.13 13.31
CA GLU C 50 13.85 -15.34 12.65
C GLU C 50 12.79 -16.08 13.48
N GLU C 51 12.51 -15.48 14.63
CA GLU C 51 11.41 -15.85 15.51
C GLU C 51 10.06 -15.55 14.86
N GLN C 52 10.02 -14.49 14.05
CA GLN C 52 8.79 -13.99 13.42
C GLN C 52 8.72 -14.22 11.90
N GLU C 53 7.51 -14.25 11.35
CA GLU C 53 7.35 -14.32 9.89
C GLU C 53 7.60 -12.94 9.29
N LEU C 54 7.80 -12.87 7.97
CA LEU C 54 8.28 -11.66 7.30
C LEU C 54 7.41 -10.41 7.51
N ILE C 55 6.09 -10.58 7.44
CA ILE C 55 5.13 -9.47 7.61
C ILE C 55 5.31 -8.76 8.97
N VAL C 56 5.42 -9.57 10.03
CA VAL C 56 5.63 -9.04 11.39
C VAL C 56 7.01 -8.39 11.57
N ARG C 57 8.06 -9.00 11.02
CA ARG C 57 9.41 -8.42 11.11
C ARG C 57 9.51 -7.06 10.38
N SER C 58 8.89 -7.00 9.20
CA SER C 58 8.85 -5.77 8.40
C SER C 58 8.16 -4.66 9.18
N ALA C 59 7.01 -4.99 9.73
CA ALA C 59 6.21 -4.07 10.52
C ALA C 59 6.95 -3.58 11.75
N THR C 60 7.65 -4.48 12.42
CA THR C 60 8.47 -4.14 13.58
C THR C 60 9.56 -3.14 13.17
N ALA C 61 10.20 -3.40 12.03
CA ALA C 61 11.22 -2.50 11.50
C ALA C 61 10.61 -1.15 11.12
N ILE C 62 9.44 -1.17 10.50
CA ILE C 62 8.73 0.06 10.16
C ILE C 62 8.42 0.83 11.42
N GLN C 63 7.99 0.10 12.46
CA GLN C 63 7.60 0.72 13.73
C GLN C 63 8.75 1.48 14.36
N TYR C 64 9.93 0.87 14.42
CA TYR C 64 11.13 1.57 14.89
C TYR C 64 11.37 2.89 14.17
N LEU C 65 11.20 2.87 12.86
CA LEU C 65 11.46 4.03 12.02
C LEU C 65 10.37 5.07 12.13
N ASP C 66 9.11 4.63 12.21
CA ASP C 66 7.97 5.54 12.39
C ASP C 66 8.01 6.23 13.74
N ASP C 67 8.43 5.50 14.78
CA ASP C 67 8.55 6.07 16.13
C ASP C 67 9.62 7.16 16.18
N ILE C 68 10.69 7.00 15.42
CA ILE C 68 11.82 7.93 15.44
C ILE C 68 11.60 9.10 14.46
N SER C 69 10.58 8.97 13.62
CA SER C 69 10.25 9.94 12.60
C SER C 69 9.70 11.22 13.20
N GLU C 70 9.20 11.12 14.43
CA GLU C 70 8.61 12.25 15.12
C GLU C 70 9.67 13.04 15.92
N ASP C 71 10.92 12.59 15.80
CA ASP C 71 12.07 13.26 16.40
C ASP C 71 12.31 14.60 15.69
N PRO C 72 12.31 15.71 16.44
CA PRO C 72 12.47 17.01 15.81
C PRO C 72 13.88 17.28 15.27
N ASN C 73 14.86 16.49 15.73
CA ASN C 73 16.27 16.68 15.36
C ASN C 73 16.69 15.95 14.09
N MSE C 74 15.75 15.31 13.43
CA MSE C 74 16.16 14.53 12.28
C MSE C 74 16.51 15.32 11.02
O MSE C 74 15.73 16.19 10.60
CB MSE C 74 15.16 13.47 11.96
CG MSE C 74 15.87 12.35 11.26
SE MSE C 74 14.58 11.37 10.44
CE MSE C 74 14.02 10.27 11.96
N PRO C 75 17.67 15.00 10.43
CA PRO C 75 18.17 15.71 9.25
C PRO C 75 17.31 15.41 8.04
N ILE C 76 17.20 16.39 7.14
CA ILE C 76 16.41 16.26 5.92
C ILE C 76 16.80 15.01 5.12
N HIS C 77 18.11 14.84 4.88
CA HIS C 77 18.62 13.73 4.08
C HIS C 77 18.23 12.38 4.66
N THR C 78 18.35 12.25 5.97
CA THR C 78 17.93 11.04 6.64
C THR C 78 16.42 10.79 6.50
N ARG C 79 15.62 11.85 6.63
CA ARG C 79 14.18 11.69 6.53
C ARG C 79 13.79 11.04 5.18
N THR C 80 14.47 11.48 4.11
CA THR C 80 14.28 10.95 2.76
C THR C 80 14.72 9.50 2.64
N GLN C 81 15.85 9.18 3.25
CA GLN C 81 16.35 7.81 3.26
C GLN C 81 15.36 6.91 3.96
N ILE C 82 14.83 7.36 5.10
CA ILE C 82 13.88 6.55 5.85
C ILE C 82 12.54 6.36 5.11
N TRP C 83 12.04 7.39 4.44
CA TRP C 83 10.86 7.30 3.59
C TRP C 83 11.04 6.20 2.53
N GLY C 84 12.21 6.17 1.88
CA GLY C 84 12.53 5.11 0.93
C GLY C 84 12.59 3.70 1.50
N ILE C 85 13.24 3.53 2.67
CA ILE C 85 13.29 2.25 3.38
C ILE C 85 11.90 1.81 3.84
N VAL C 86 11.11 2.72 4.41
CA VAL C 86 9.74 2.37 4.85
C VAL C 86 8.89 1.93 3.66
N SER C 87 8.95 2.71 2.56
CA SER C 87 8.23 2.39 1.33
C SER C 87 8.54 0.98 0.85
N GLU C 88 9.82 0.64 0.83
CA GLU C 88 10.26 -0.68 0.42
C GLU C 88 9.84 -1.77 1.41
N LEU C 89 9.97 -1.51 2.71
CA LEU C 89 9.49 -2.44 3.75
C LEU C 89 8.01 -2.78 3.59
N GLU C 90 7.24 -1.80 3.16
CA GLU C 90 5.80 -1.96 2.98
C GLU C 90 5.42 -2.91 1.84
N THR C 91 6.32 -3.11 0.88
CA THR C 91 6.15 -4.05 -0.25
C THR C 91 6.53 -5.49 0.11
N ILE C 92 7.10 -5.70 1.28
CA ILE C 92 7.51 -7.02 1.73
C ILE C 92 6.27 -7.83 2.13
N LYS C 93 5.80 -8.68 1.21
CA LYS C 93 4.62 -9.52 1.44
C LYS C 93 4.68 -10.83 0.65
N LYS D 9 -10.95 12.77 11.27
CA LYS D 9 -11.36 11.75 10.25
C LYS D 9 -11.88 10.47 10.90
N LEU D 10 -11.89 9.37 10.14
CA LEU D 10 -12.34 8.09 10.69
C LEU D 10 -11.23 7.60 11.63
N SER D 11 -11.59 7.39 12.90
CA SER D 11 -10.59 7.14 13.94
C SER D 11 -10.00 5.72 13.87
N PRO D 12 -8.74 5.56 14.33
CA PRO D 12 -8.15 4.24 14.41
C PRO D 12 -9.07 3.25 15.09
N ALA D 13 -9.59 3.59 16.28
CA ALA D 13 -10.52 2.73 16.98
C ALA D 13 -11.76 2.37 16.15
N ASP D 14 -12.36 3.36 15.48
CA ASP D 14 -13.50 3.11 14.58
C ASP D 14 -13.10 2.16 13.44
N LYS D 15 -11.87 2.33 12.94
CA LYS D 15 -11.31 1.43 11.93
C LYS D 15 -11.21 0.00 12.49
N LEU D 16 -10.50 -0.18 13.61
CA LEU D 16 -10.39 -1.48 14.28
C LEU D 16 -11.73 -2.13 14.61
N LYS D 17 -12.71 -1.31 14.99
CA LYS D 17 -14.05 -1.78 15.33
C LYS D 17 -14.76 -2.41 14.13
N ASN D 18 -14.68 -1.73 12.98
CA ASN D 18 -15.20 -2.20 11.69
C ASN D 18 -14.50 -3.50 11.28
N ILE D 19 -13.17 -3.47 11.26
CA ILE D 19 -12.38 -4.66 10.96
C ILE D 19 -12.76 -5.88 11.86
N SER D 20 -12.83 -5.70 13.18
CA SER D 20 -13.22 -6.81 14.08
C SER D 20 -14.60 -7.38 13.77
N SER D 21 -15.54 -6.50 13.46
CA SER D 21 -16.91 -6.90 13.17
C SER D 21 -16.98 -7.71 11.86
N MSE D 22 -16.21 -7.28 10.87
CA MSE D 22 -16.08 -8.02 9.61
C MSE D 22 -15.50 -9.42 9.82
O MSE D 22 -15.95 -10.38 9.21
CB MSE D 22 -15.22 -7.24 8.60
CG MSE D 22 -15.94 -6.02 8.01
SE MSE D 22 -14.76 -5.06 6.80
CE MSE D 22 -14.61 -6.44 5.40
N LEU D 23 -14.49 -9.52 10.67
CA LEU D 23 -13.87 -10.81 10.97
C LEU D 23 -14.88 -11.72 11.68
N GLU D 24 -15.68 -11.13 12.56
CA GLU D 24 -16.75 -11.83 13.27
C GLU D 24 -17.80 -12.45 12.34
N GLU D 25 -18.11 -11.77 11.23
CA GLU D 25 -18.98 -12.34 10.20
C GLU D 25 -18.42 -13.70 9.74
N ILE D 26 -17.10 -13.78 9.54
CA ILE D 26 -16.48 -15.03 9.06
C ILE D 26 -16.51 -16.10 10.15
N VAL D 27 -16.20 -15.70 11.38
CA VAL D 27 -16.21 -16.57 12.55
C VAL D 27 -17.58 -17.26 12.74
N GLU D 28 -18.64 -16.53 12.43
CA GLU D 28 -20.01 -17.01 12.58
C GLU D 28 -20.60 -17.71 11.34
N ASP D 29 -19.86 -17.68 10.23
CA ASP D 29 -20.31 -18.21 8.96
C ASP D 29 -20.21 -19.74 8.90
N THR D 30 -21.38 -20.36 9.00
CA THR D 30 -21.56 -21.82 9.04
C THR D 30 -21.06 -22.55 7.79
N THR D 31 -21.10 -21.86 6.66
CA THR D 31 -20.75 -22.43 5.37
C THR D 31 -19.24 -22.53 5.18
N VAL D 32 -18.49 -21.93 6.11
CA VAL D 32 -17.04 -21.78 5.99
C VAL D 32 -16.29 -22.89 6.74
N PRO D 33 -15.28 -23.50 6.10
CA PRO D 33 -14.54 -24.55 6.83
C PRO D 33 -14.02 -24.09 8.21
N ARG D 34 -13.99 -25.03 9.14
CA ARG D 34 -13.74 -24.76 10.57
C ARG D 34 -12.42 -24.05 10.83
N ASN D 35 -11.35 -24.48 10.14
CA ASN D 35 -10.04 -23.86 10.31
C ASN D 35 -9.98 -22.41 9.78
N ILE D 36 -10.83 -22.08 8.81
CA ILE D 36 -10.82 -20.71 8.25
C ILE D 36 -11.52 -19.75 9.21
N ARG D 37 -12.68 -20.17 9.71
CA ARG D 37 -13.34 -19.53 10.84
C ARG D 37 -12.41 -19.26 12.04
N ALA D 38 -11.66 -20.28 12.47
CA ALA D 38 -10.70 -20.16 13.56
C ALA D 38 -9.58 -19.15 13.29
N ALA D 39 -9.06 -19.12 12.06
CA ALA D 39 -8.04 -18.15 11.63
C ALA D 39 -8.54 -16.72 11.69
N ALA D 40 -9.81 -16.54 11.34
CA ALA D 40 -10.51 -15.25 11.44
C ALA D 40 -10.63 -14.86 12.91
N ASP D 41 -10.84 -15.85 13.77
CA ASP D 41 -10.98 -15.54 15.18
C ASP D 41 -9.60 -15.15 15.71
N ASN D 42 -8.59 -15.88 15.28
CA ASN D 42 -7.20 -15.58 15.64
C ASN D 42 -6.81 -14.14 15.21
N ALA D 43 -7.06 -13.79 13.95
CA ALA D 43 -6.79 -12.43 13.48
C ALA D 43 -7.49 -11.40 14.39
N LYS D 44 -8.78 -11.63 14.65
CA LYS D 44 -9.56 -10.76 15.52
C LYS D 44 -8.87 -10.57 16.88
N ASN D 45 -8.46 -11.67 17.50
CA ASN D 45 -7.82 -11.60 18.81
C ASN D 45 -6.52 -10.79 18.74
N ALA D 46 -5.72 -11.04 17.70
CA ALA D 46 -4.45 -10.33 17.49
C ALA D 46 -4.61 -8.81 17.54
N LEU D 47 -5.74 -8.33 17.04
CA LEU D 47 -6.02 -6.90 16.99
C LEU D 47 -6.21 -6.23 18.37
N HIS D 48 -6.35 -7.05 19.42
CA HIS D 48 -6.62 -6.56 20.79
C HIS D 48 -5.41 -6.34 21.71
N ASN D 49 -4.34 -7.11 21.52
CA ASN D 49 -3.22 -7.12 22.49
C ASN D 49 -2.45 -5.82 22.61
N GLU D 50 -2.90 -5.01 23.58
CA GLU D 50 -2.45 -3.62 23.78
C GLU D 50 -0.99 -3.51 24.24
N GLU D 51 -0.29 -4.65 24.30
CA GLU D 51 1.15 -4.65 24.47
C GLU D 51 1.82 -4.11 23.22
N GLN D 52 1.32 -4.54 22.06
CA GLN D 52 1.89 -4.18 20.76
C GLN D 52 1.30 -2.87 20.22
N GLU D 53 2.15 -2.08 19.58
CA GLU D 53 1.75 -0.85 18.93
C GLU D 53 0.99 -1.18 17.65
N LEU D 54 0.22 -0.20 17.16
CA LEU D 54 -0.78 -0.43 16.11
C LEU D 54 -0.31 -1.22 14.88
N ILE D 55 0.82 -0.86 14.30
CA ILE D 55 1.17 -1.46 13.02
C ILE D 55 1.70 -2.87 13.15
N VAL D 56 2.27 -3.20 14.30
CA VAL D 56 2.62 -4.59 14.61
C VAL D 56 1.32 -5.41 14.81
N ARG D 57 0.39 -4.88 15.59
CA ARG D 57 -0.87 -5.56 15.86
C ARG D 57 -1.63 -5.88 14.58
N SER D 58 -1.66 -4.92 13.66
CA SER D 58 -2.34 -5.05 12.37
C SER D 58 -1.65 -6.09 11.53
N ALA D 59 -0.33 -5.98 11.50
CA ALA D 59 0.51 -6.91 10.73
C ALA D 59 0.34 -8.35 11.21
N THR D 60 0.13 -8.49 12.52
CA THR D 60 -0.10 -9.80 13.12
C THR D 60 -1.43 -10.40 12.64
N ALA D 61 -2.49 -9.62 12.70
CA ALA D 61 -3.78 -10.02 12.14
C ALA D 61 -3.69 -10.37 10.65
N ILE D 62 -3.02 -9.52 9.86
CA ILE D 62 -2.80 -9.81 8.43
C ILE D 62 -2.13 -11.17 8.22
N GLN D 63 -1.16 -11.47 9.06
CA GLN D 63 -0.41 -12.71 8.96
C GLN D 63 -1.29 -13.96 9.00
N TYR D 64 -2.18 -14.01 9.97
CA TYR D 64 -3.15 -15.09 10.11
C TYR D 64 -4.03 -15.25 8.88
N LEU D 65 -4.43 -14.12 8.32
CA LEU D 65 -5.28 -14.12 7.13
C LEU D 65 -4.53 -14.52 5.87
N ASP D 66 -3.27 -14.08 5.76
CA ASP D 66 -2.44 -14.44 4.60
C ASP D 66 -2.14 -15.92 4.57
N ASP D 67 -1.86 -16.48 5.75
CA ASP D 67 -1.59 -17.90 5.89
C ASP D 67 -2.82 -18.78 5.57
N ILE D 68 -4.03 -18.25 5.80
CA ILE D 68 -5.27 -19.00 5.55
C ILE D 68 -5.78 -18.86 4.09
N SER D 69 -5.38 -17.76 3.47
CA SER D 69 -5.67 -17.47 2.06
C SER D 69 -5.13 -18.58 1.16
N GLU D 70 -4.41 -19.52 1.75
CA GLU D 70 -3.83 -20.61 0.97
C GLU D 70 -4.58 -21.92 1.09
N ASP D 71 -5.65 -21.91 1.88
CA ASP D 71 -6.46 -23.09 2.09
C ASP D 71 -7.15 -23.49 0.77
N PRO D 72 -7.07 -24.79 0.42
CA PRO D 72 -7.68 -25.25 -0.83
C PRO D 72 -9.22 -25.29 -0.79
N ASN D 73 -9.80 -25.19 0.40
CA ASN D 73 -11.24 -25.17 0.54
C ASN D 73 -11.82 -23.77 0.80
N MSE D 74 -10.99 -22.76 0.63
CA MSE D 74 -11.43 -21.39 0.79
C MSE D 74 -12.59 -21.03 -0.13
O MSE D 74 -12.43 -21.08 -1.35
CB MSE D 74 -10.31 -20.40 0.53
CG MSE D 74 -10.86 -18.99 0.35
SE MSE D 74 -11.14 -18.23 2.10
CE MSE D 74 -9.42 -17.38 2.14
N PRO D 75 -13.73 -20.66 0.44
CA PRO D 75 -14.87 -20.22 -0.39
C PRO D 75 -14.70 -18.84 -1.05
N ILE D 76 -15.29 -18.71 -2.24
CA ILE D 76 -15.32 -17.48 -3.03
C ILE D 76 -15.64 -16.24 -2.20
N HIS D 77 -16.79 -16.28 -1.52
CA HIS D 77 -17.29 -15.13 -0.78
C HIS D 77 -16.37 -14.78 0.38
N THR D 78 -15.81 -15.82 1.02
CA THR D 78 -14.91 -15.62 2.14
C THR D 78 -13.58 -14.97 1.68
N ARG D 79 -13.07 -15.39 0.52
CA ARG D 79 -11.85 -14.80 -0.03
C ARG D 79 -12.07 -13.31 -0.22
N THR D 80 -13.24 -12.97 -0.74
CA THR D 80 -13.60 -11.59 -1.00
C THR D 80 -13.68 -10.77 0.30
N GLN D 81 -14.30 -11.34 1.32
CA GLN D 81 -14.40 -10.70 2.62
C GLN D 81 -13.01 -10.47 3.25
N ILE D 82 -12.17 -11.50 3.22
CA ILE D 82 -10.82 -11.41 3.74
C ILE D 82 -9.99 -10.36 2.98
N TRP D 83 -10.20 -10.25 1.67
CA TRP D 83 -9.46 -9.23 0.89
C TRP D 83 -9.85 -7.82 1.37
N GLY D 84 -11.14 -7.61 1.65
CA GLY D 84 -11.62 -6.34 2.26
C GLY D 84 -10.99 -6.00 3.60
N ILE D 85 -11.00 -6.98 4.52
CA ILE D 85 -10.35 -6.90 5.84
C ILE D 85 -8.84 -6.57 5.77
N VAL D 86 -8.10 -7.33 4.99
CA VAL D 86 -6.66 -7.09 4.79
C VAL D 86 -6.41 -5.72 4.20
N SER D 87 -7.13 -5.39 3.13
CA SER D 87 -7.02 -4.05 2.53
C SER D 87 -7.17 -2.96 3.59
N GLU D 88 -8.18 -3.07 4.45
CA GLU D 88 -8.40 -2.10 5.51
C GLU D 88 -7.29 -2.13 6.55
N LEU D 89 -6.86 -3.32 6.96
CA LEU D 89 -5.76 -3.44 7.92
C LEU D 89 -4.50 -2.74 7.45
N GLU D 90 -4.29 -2.73 6.14
CA GLU D 90 -3.06 -2.12 5.61
C GLU D 90 -3.08 -0.60 5.63
N THR D 91 -4.22 -0.03 6.02
CA THR D 91 -4.35 1.43 6.13
C THR D 91 -4.07 1.93 7.55
N ILE D 92 -4.00 1.00 8.50
CA ILE D 92 -3.68 1.34 9.88
C ILE D 92 -2.18 1.66 9.94
N LYS D 93 -1.89 2.96 10.02
CA LYS D 93 -0.52 3.43 9.87
C LYS D 93 -0.26 4.63 10.78
#